data_7AUC
#
_entry.id   7AUC
#
_cell.length_a   54.28
_cell.length_b   107.69
_cell.length_c   55.2
_cell.angle_alpha   90
_cell.angle_beta   109.31
_cell.angle_gamma   90
#
_symmetry.space_group_name_H-M   'P 1 21 1'
#
loop_
_entity.id
_entity.type
_entity.pdbx_description
1 polymer 'Bloom syndrome protein,Bloom syndrome protein'
2 non-polymer 'ACETATE ION'
3 non-polymer 1,2-ETHANEDIOL
4 non-polymer 'TETRAETHYLENE GLYCOL'
5 non-polymer GLYCEROL
6 non-polymer "ADENOSINE-5'-DIPHOSPHATE"
7 non-polymer 'MAGNESIUM ION'
8 non-polymer 'ZINC ION'
9 non-polymer 'CALCIUM ION'
10 water water
#
_entity_poly.entity_id   1
_entity_poly.type   'polypeptide(L)'
_entity_poly.pdbx_seq_one_letter_code
;MGSAWSHPQFEKSSGLEVLFQGPHMSRNLKHERFQSLSFPHTKEMMKIFHKKFGLHNFRTNQLEAINAALLGEDCFILMP
TGGGKSLCYQLPACVSPGVTVVISPLRSLIVDQVQKLTSLDIPATYLTGDKTDSEATNIYLQLSKKDPIIKLLYVTPEKI
CASNRLISTLENLYERKLLARFVIDEAHCVSQWGHDFRQDYKRMNMLRQKFPSVPVMALTATANPRVQKDILTQLKILRP
QVFSMSFNRHNLKYYVLPKKPKKVAFDCLEWIRKHHPYDSGIIYCLSRRECDTMADTLQRDGLAALAYHAGLSDSARDEV
QQKWINQDGCQVICATIAFGMGIDKPDVRFVIHASLPKSVEGYYQESGRAGRDGEISHCLLFYTYHDVTRLKRLIMMEKD
GNHHTRETHFNNLYSMVHYCENITECRRIQLLAYFGENGFNPDFCKKHPDVSCDNCCKTKGSGGSKALVAKVSQREEMVK
KCLGELTEVCKSLGKVFGVHYFNIFNTVTLKKLAESLSSDPEVLLQIDGVTEDKLEKYGAEVISVLQKYSEWTSPAEDSS
PG
;
_entity_poly.pdbx_strand_id   A
#
loop_
_chem_comp.id
_chem_comp.type
_chem_comp.name
_chem_comp.formula
ACT non-polymer 'ACETATE ION' 'C2 H3 O2 -1'
ADP non-polymer ADENOSINE-5'-DIPHOSPHATE 'C10 H15 N5 O10 P2'
CA non-polymer 'CALCIUM ION' 'Ca 2'
EDO non-polymer 1,2-ETHANEDIOL 'C2 H6 O2'
GOL non-polymer GLYCEROL 'C3 H8 O3'
MG non-polymer 'MAGNESIUM ION' 'Mg 2'
PG4 non-polymer 'TETRAETHYLENE GLYCOL' 'C8 H18 O5'
ZN non-polymer 'ZINC ION' 'Zn 2'
#
# COMPACT_ATOMS: atom_id res chain seq x y z
N LEU A 29 16.89 -15.75 19.75
CA LEU A 29 18.01 -16.58 19.31
C LEU A 29 17.72 -17.15 17.92
N LYS A 30 16.49 -17.62 17.71
CA LYS A 30 16.09 -18.11 16.39
C LYS A 30 16.04 -16.94 15.42
N HIS A 31 15.55 -15.77 15.90
CA HIS A 31 15.46 -14.55 15.10
C HIS A 31 16.85 -13.94 14.85
N GLU A 32 17.85 -14.13 15.76
CA GLU A 32 19.21 -13.63 15.48
CA GLU A 32 19.18 -13.59 15.46
C GLU A 32 19.81 -14.42 14.32
N ARG A 33 19.55 -15.76 14.27
CA ARG A 33 20.06 -16.58 13.16
C ARG A 33 19.40 -16.13 11.83
N PHE A 34 18.14 -15.63 11.91
CA PHE A 34 17.47 -15.16 10.68
C PHE A 34 18.08 -13.84 10.14
N GLN A 35 19.05 -13.25 10.82
CA GLN A 35 19.77 -12.07 10.34
C GLN A 35 21.04 -12.47 9.51
N SER A 36 21.36 -13.77 9.45
CA SER A 36 22.58 -14.21 8.79
C SER A 36 22.56 -14.04 7.27
N LEU A 37 23.74 -13.80 6.70
CA LEU A 37 23.99 -13.77 5.26
C LEU A 37 24.87 -14.97 4.83
N SER A 38 24.89 -16.05 5.64
CA SER A 38 25.71 -17.21 5.35
C SER A 38 24.92 -18.50 5.04
N PHE A 39 23.66 -18.40 4.59
CA PHE A 39 22.89 -19.61 4.28
C PHE A 39 23.19 -20.08 2.87
N PRO A 40 22.91 -21.35 2.57
CA PRO A 40 23.05 -21.83 1.19
C PRO A 40 22.25 -20.98 0.18
N HIS A 41 21.08 -20.46 0.60
CA HIS A 41 20.25 -19.65 -0.32
C HIS A 41 20.67 -18.19 -0.42
N THR A 42 21.56 -17.69 0.45
CA THR A 42 21.87 -16.25 0.47
C THR A 42 22.40 -15.69 -0.85
N LYS A 43 23.36 -16.36 -1.49
CA LYS A 43 23.93 -15.84 -2.74
C LYS A 43 22.85 -15.59 -3.81
N GLU A 44 21.95 -16.54 -4.03
CA GLU A 44 20.90 -16.38 -5.05
C GLU A 44 19.89 -15.32 -4.60
N MET A 45 19.54 -15.34 -3.31
CA MET A 45 18.61 -14.36 -2.73
CA MET A 45 18.60 -14.36 -2.78
C MET A 45 19.13 -12.93 -2.95
N MET A 46 20.42 -12.71 -2.65
CA MET A 46 21.00 -11.38 -2.79
C MET A 46 21.15 -10.98 -4.24
N LYS A 47 21.46 -11.95 -5.12
CA LYS A 47 21.58 -11.66 -6.55
C LYS A 47 20.23 -11.18 -7.11
N ILE A 48 19.15 -11.86 -6.74
CA ILE A 48 17.81 -11.48 -7.23
C ILE A 48 17.36 -10.15 -6.61
N PHE A 49 17.63 -9.97 -5.32
CA PHE A 49 17.32 -8.71 -4.62
C PHE A 49 17.97 -7.51 -5.32
N HIS A 50 19.26 -7.66 -5.68
CA HIS A 50 19.99 -6.58 -6.33
CA HIS A 50 19.99 -6.57 -6.34
C HIS A 50 19.62 -6.44 -7.82
N LYS A 51 19.74 -7.50 -8.59
CA LYS A 51 19.54 -7.46 -10.04
C LYS A 51 18.11 -7.48 -10.56
N LYS A 52 17.19 -8.18 -9.88
CA LYS A 52 15.82 -8.28 -10.36
C LYS A 52 14.94 -7.21 -9.70
N PHE A 53 15.05 -7.02 -8.38
CA PHE A 53 14.25 -5.99 -7.69
C PHE A 53 14.97 -4.60 -7.73
N GLY A 54 16.28 -4.58 -7.96
CA GLY A 54 17.02 -3.31 -8.02
C GLY A 54 17.16 -2.66 -6.65
N LEU A 55 17.23 -3.49 -5.57
CA LEU A 55 17.27 -2.95 -4.23
C LEU A 55 18.64 -3.06 -3.57
N HIS A 56 18.86 -2.34 -2.46
CA HIS A 56 20.19 -2.30 -1.85
C HIS A 56 20.19 -2.52 -0.34
N ASN A 57 19.11 -2.15 0.37
CA ASN A 57 19.09 -2.31 1.82
C ASN A 57 17.74 -2.83 2.26
N PHE A 58 17.75 -3.81 3.15
CA PHE A 58 16.51 -4.36 3.68
C PHE A 58 15.89 -3.42 4.72
N ARG A 59 14.56 -3.41 4.78
CA ARG A 59 13.85 -2.68 5.81
C ARG A 59 13.62 -3.59 7.02
N THR A 60 13.14 -3.03 8.15
CA THR A 60 12.88 -3.80 9.35
C THR A 60 12.11 -5.11 9.07
N ASN A 61 12.67 -6.23 9.53
CA ASN A 61 12.09 -7.58 9.49
C ASN A 61 12.09 -8.22 8.10
N GLN A 62 12.47 -7.49 7.02
CA GLN A 62 12.46 -8.11 5.70
C GLN A 62 13.47 -9.24 5.57
N LEU A 63 14.76 -8.98 5.89
CA LEU A 63 15.78 -10.04 5.75
C LEU A 63 15.43 -11.25 6.62
N GLU A 64 14.96 -10.98 7.85
CA GLU A 64 14.63 -12.07 8.78
C GLU A 64 13.47 -12.94 8.27
N ALA A 65 12.40 -12.31 7.79
CA ALA A 65 11.26 -13.07 7.25
C ALA A 65 11.64 -13.81 5.98
N ILE A 66 12.41 -13.16 5.10
CA ILE A 66 12.85 -13.78 3.85
C ILE A 66 13.73 -15.03 4.14
N ASN A 67 14.68 -14.88 5.07
CA ASN A 67 15.53 -16.02 5.46
C ASN A 67 14.69 -17.15 6.07
N ALA A 68 13.76 -16.84 7.02
CA ALA A 68 12.90 -17.88 7.59
C ALA A 68 12.11 -18.60 6.52
N ALA A 69 11.54 -17.83 5.55
CA ALA A 69 10.79 -18.43 4.46
C ALA A 69 11.67 -19.36 3.63
N LEU A 70 12.89 -18.93 3.27
CA LEU A 70 13.75 -19.76 2.42
C LEU A 70 14.32 -20.99 3.18
N LEU A 71 14.27 -20.95 4.51
CA LEU A 71 14.65 -22.10 5.33
C LEU A 71 13.43 -23.07 5.53
N GLY A 72 12.30 -22.79 4.90
CA GLY A 72 11.11 -23.63 4.95
C GLY A 72 10.17 -23.38 6.11
N GLU A 73 10.40 -22.30 6.87
CA GLU A 73 9.52 -22.00 8.00
C GLU A 73 8.18 -21.43 7.58
N ASP A 74 7.15 -21.71 8.37
CA ASP A 74 5.87 -21.01 8.22
C ASP A 74 6.06 -19.66 8.92
N CYS A 75 5.49 -18.57 8.36
CA CYS A 75 5.71 -17.23 8.91
C CYS A 75 4.42 -16.48 9.09
N PHE A 76 4.38 -15.62 10.10
CA PHE A 76 3.28 -14.68 10.35
C PHE A 76 3.92 -13.31 10.48
N ILE A 77 3.62 -12.42 9.52
CA ILE A 77 4.27 -11.10 9.50
C ILE A 77 3.26 -10.01 9.79
N LEU A 78 3.51 -9.27 10.87
CA LEU A 78 2.66 -8.16 11.30
C LEU A 78 3.45 -6.91 10.96
N MET A 79 3.05 -6.22 9.88
CA MET A 79 3.84 -5.09 9.38
C MET A 79 2.91 -4.02 8.85
N PRO A 80 3.06 -2.76 9.28
CA PRO A 80 2.10 -1.73 8.84
C PRO A 80 2.22 -1.47 7.34
N THR A 81 1.21 -0.77 6.80
CA THR A 81 1.23 -0.31 5.39
C THR A 81 2.50 0.50 5.15
N GLY A 82 3.16 0.26 4.02
CA GLY A 82 4.41 0.93 3.72
C GLY A 82 5.64 0.24 4.27
N GLY A 83 5.45 -0.81 5.09
CA GLY A 83 6.59 -1.51 5.67
C GLY A 83 7.42 -2.31 4.68
N GLY A 84 6.75 -2.85 3.65
CA GLY A 84 7.44 -3.68 2.66
C GLY A 84 7.07 -5.15 2.77
N LYS A 85 5.80 -5.45 2.97
CA LYS A 85 5.36 -6.84 3.06
C LYS A 85 5.55 -7.60 1.76
N SER A 86 5.38 -6.93 0.62
CA SER A 86 5.40 -7.65 -0.66
C SER A 86 6.73 -8.41 -0.88
N LEU A 87 7.85 -7.72 -0.64
CA LEU A 87 9.16 -8.35 -0.85
C LEU A 87 9.34 -9.60 0.03
N CYS A 88 8.70 -9.60 1.23
CA CYS A 88 8.83 -10.72 2.17
C CYS A 88 8.46 -12.07 1.53
N TYR A 89 7.49 -12.08 0.60
CA TYR A 89 7.17 -13.34 -0.10
C TYR A 89 7.61 -13.34 -1.56
N GLN A 90 7.72 -12.15 -2.20
CA GLN A 90 8.07 -12.13 -3.62
C GLN A 90 9.52 -12.46 -3.89
N LEU A 91 10.42 -12.05 -2.98
CA LEU A 91 11.84 -12.36 -3.18
C LEU A 91 12.04 -13.90 -2.97
N PRO A 92 11.53 -14.53 -1.88
CA PRO A 92 11.62 -16.00 -1.79
C PRO A 92 10.94 -16.68 -2.99
N ALA A 93 9.80 -16.15 -3.52
CA ALA A 93 9.16 -16.74 -4.72
C ALA A 93 10.11 -16.83 -5.90
N CYS A 94 10.96 -15.82 -6.09
CA CYS A 94 11.89 -15.79 -7.20
C CYS A 94 13.05 -16.77 -7.00
N VAL A 95 13.45 -16.98 -5.74
CA VAL A 95 14.59 -17.86 -5.43
C VAL A 95 14.17 -19.30 -5.60
N SER A 96 12.99 -19.65 -5.09
CA SER A 96 12.51 -21.04 -5.11
C SER A 96 12.12 -21.54 -6.48
N PRO A 97 12.32 -22.84 -6.75
CA PRO A 97 11.74 -23.41 -7.98
C PRO A 97 10.22 -23.46 -7.84
N GLY A 98 9.54 -23.35 -8.97
CA GLY A 98 8.09 -23.44 -8.95
C GLY A 98 7.34 -22.19 -8.56
N VAL A 99 6.07 -22.38 -8.23
CA VAL A 99 5.07 -21.35 -8.09
C VAL A 99 4.69 -21.03 -6.66
N THR A 100 4.63 -19.72 -6.36
CA THR A 100 4.13 -19.28 -5.07
C THR A 100 2.67 -18.83 -5.30
N VAL A 101 1.74 -19.38 -4.53
CA VAL A 101 0.33 -19.06 -4.68
C VAL A 101 -0.03 -18.06 -3.63
N VAL A 102 -0.52 -16.88 -4.04
CA VAL A 102 -0.85 -15.81 -3.15
C VAL A 102 -2.34 -15.60 -3.09
N ILE A 103 -2.91 -15.75 -1.91
CA ILE A 103 -4.34 -15.55 -1.69
C ILE A 103 -4.57 -14.16 -1.14
N SER A 104 -5.46 -13.38 -1.77
CA SER A 104 -5.76 -12.07 -1.24
C SER A 104 -7.19 -11.71 -1.46
N PRO A 105 -7.86 -11.19 -0.43
CA PRO A 105 -9.25 -10.73 -0.63
C PRO A 105 -9.35 -9.34 -1.29
N LEU A 106 -8.23 -8.64 -1.50
CA LEU A 106 -8.24 -7.29 -2.08
C LEU A 106 -7.89 -7.29 -3.57
N ARG A 107 -8.86 -6.98 -4.44
CA ARG A 107 -8.61 -6.96 -5.88
C ARG A 107 -7.59 -5.89 -6.27
N SER A 108 -7.63 -4.72 -5.60
CA SER A 108 -6.69 -3.64 -5.86
C SER A 108 -5.24 -4.11 -5.59
N LEU A 109 -5.03 -4.91 -4.53
CA LEU A 109 -3.72 -5.45 -4.21
C LEU A 109 -3.25 -6.38 -5.34
N ILE A 110 -4.12 -7.31 -5.78
CA ILE A 110 -3.79 -8.26 -6.84
C ILE A 110 -3.39 -7.55 -8.15
N VAL A 111 -4.21 -6.59 -8.60
CA VAL A 111 -3.89 -5.89 -9.85
C VAL A 111 -2.55 -5.13 -9.70
N ASP A 112 -2.37 -4.44 -8.55
CA ASP A 112 -1.15 -3.66 -8.33
C ASP A 112 0.10 -4.53 -8.35
N GLN A 113 0.05 -5.64 -7.64
CA GLN A 113 1.23 -6.50 -7.53
C GLN A 113 1.53 -7.21 -8.86
N VAL A 114 0.50 -7.66 -9.60
CA VAL A 114 0.80 -8.31 -10.89
C VAL A 114 1.41 -7.29 -11.87
N GLN A 115 0.93 -6.03 -11.83
CA GLN A 115 1.53 -4.98 -12.68
C GLN A 115 2.97 -4.73 -12.26
N LYS A 116 3.21 -4.60 -10.95
CA LYS A 116 4.55 -4.33 -10.43
C LYS A 116 5.53 -5.43 -10.86
N LEU A 117 5.13 -6.68 -10.68
CA LEU A 117 5.98 -7.82 -10.99
C LEU A 117 6.23 -7.92 -12.49
N THR A 118 5.18 -7.74 -13.29
CA THR A 118 5.31 -7.78 -14.76
C THR A 118 6.26 -6.71 -15.24
N SER A 119 6.18 -5.51 -14.64
CA SER A 119 7.07 -4.41 -15.02
C SER A 119 8.53 -4.76 -14.74
N LEU A 120 8.79 -5.49 -13.65
CA LEU A 120 10.12 -5.97 -13.28
C LEU A 120 10.57 -7.21 -14.12
N ASP A 121 9.68 -7.74 -14.98
CA ASP A 121 9.92 -8.94 -15.77
C ASP A 121 9.97 -10.19 -14.87
N ILE A 122 9.15 -10.19 -13.81
CA ILE A 122 8.96 -11.34 -12.96
C ILE A 122 7.65 -11.97 -13.38
N PRO A 123 7.69 -13.21 -13.89
CA PRO A 123 6.43 -13.83 -14.36
C PRO A 123 5.40 -13.97 -13.25
N ALA A 124 4.25 -13.35 -13.46
CA ALA A 124 3.14 -13.33 -12.50
C ALA A 124 1.82 -13.18 -13.20
N THR A 125 0.77 -13.74 -12.63
CA THR A 125 -0.59 -13.60 -13.16
C THR A 125 -1.62 -13.82 -12.03
N TYR A 126 -2.92 -13.63 -12.34
CA TYR A 126 -3.96 -13.83 -11.36
C TYR A 126 -5.18 -14.59 -11.93
N LEU A 127 -5.95 -15.19 -11.02
CA LEU A 127 -7.20 -15.93 -11.24
C LEU A 127 -8.22 -15.39 -10.27
N THR A 128 -9.09 -14.48 -10.72
CA THR A 128 -10.10 -13.89 -9.84
C THR A 128 -11.51 -14.06 -10.38
N GLY A 129 -11.67 -13.90 -11.68
CA GLY A 129 -12.99 -13.98 -12.32
C GLY A 129 -13.38 -12.70 -13.01
N SER A 134 -12.14 -18.17 -19.94
CA SER A 134 -11.30 -18.62 -21.04
C SER A 134 -9.84 -18.32 -20.75
N GLU A 135 -9.56 -17.13 -20.18
CA GLU A 135 -8.19 -16.73 -19.82
C GLU A 135 -7.60 -17.65 -18.74
N ALA A 136 -8.46 -18.25 -17.90
CA ALA A 136 -8.04 -19.20 -16.88
C ALA A 136 -7.46 -20.45 -17.54
N THR A 137 -8.11 -20.95 -18.62
CA THR A 137 -7.65 -22.13 -19.35
C THR A 137 -6.21 -21.98 -19.84
N ASN A 138 -5.82 -20.79 -20.32
CA ASN A 138 -4.46 -20.55 -20.78
C ASN A 138 -3.45 -20.57 -19.62
N ILE A 139 -3.87 -20.12 -18.43
CA ILE A 139 -3.01 -20.12 -17.25
C ILE A 139 -2.80 -21.56 -16.78
N TYR A 140 -3.89 -22.33 -16.67
CA TYR A 140 -3.80 -23.74 -16.26
C TYR A 140 -2.90 -24.55 -17.22
N LEU A 141 -2.97 -24.26 -18.52
CA LEU A 141 -2.16 -24.95 -19.54
C LEU A 141 -0.67 -24.62 -19.36
N GLN A 142 -0.36 -23.34 -19.09
CA GLN A 142 1.02 -22.93 -18.89
C GLN A 142 1.59 -23.55 -17.61
N LEU A 143 0.81 -23.61 -16.54
CA LEU A 143 1.26 -24.18 -15.27
C LEU A 143 1.57 -25.68 -15.39
N SER A 144 0.92 -26.39 -16.31
CA SER A 144 1.14 -27.83 -16.50
C SER A 144 2.38 -28.16 -17.35
N LYS A 145 2.97 -27.17 -18.04
CA LYS A 145 4.16 -27.40 -18.87
C LYS A 145 5.37 -27.81 -18.02
N LYS A 146 6.45 -28.37 -18.63
CA LYS A 146 7.65 -28.78 -17.87
C LYS A 146 8.23 -27.59 -17.07
N ASP A 147 8.16 -26.39 -17.66
CA ASP A 147 8.54 -25.14 -17.02
C ASP A 147 7.27 -24.32 -16.85
N PRO A 148 6.72 -24.25 -15.63
CA PRO A 148 5.49 -23.46 -15.43
C PRO A 148 5.71 -21.96 -15.67
N ILE A 149 6.98 -21.46 -15.51
CA ILE A 149 7.46 -20.08 -15.73
C ILE A 149 6.92 -19.09 -14.70
N ILE A 150 5.58 -19.04 -14.50
CA ILE A 150 4.89 -18.21 -13.51
C ILE A 150 5.51 -18.42 -12.13
N LYS A 151 5.94 -17.32 -11.48
CA LYS A 151 6.53 -17.41 -10.15
C LYS A 151 5.50 -17.05 -9.09
N LEU A 152 4.60 -16.10 -9.39
CA LEU A 152 3.58 -15.69 -8.44
C LEU A 152 2.22 -15.79 -9.09
N LEU A 153 1.34 -16.59 -8.49
CA LEU A 153 -0.02 -16.77 -8.94
C LEU A 153 -0.96 -16.23 -7.89
N TYR A 154 -1.62 -15.11 -8.16
CA TYR A 154 -2.54 -14.47 -7.23
C TYR A 154 -3.95 -15.01 -7.43
N VAL A 155 -4.63 -15.33 -6.34
CA VAL A 155 -5.99 -15.83 -6.38
C VAL A 155 -6.79 -15.21 -5.23
N THR A 156 -8.12 -15.15 -5.39
CA THR A 156 -8.98 -14.66 -4.31
C THR A 156 -9.38 -15.85 -3.43
N PRO A 157 -9.81 -15.64 -2.17
CA PRO A 157 -10.24 -16.78 -1.34
C PRO A 157 -11.43 -17.51 -1.97
N GLU A 158 -12.34 -16.76 -2.63
CA GLU A 158 -13.51 -17.35 -3.29
C GLU A 158 -13.12 -18.25 -4.45
N LYS A 159 -12.08 -17.85 -5.22
CA LYS A 159 -11.63 -18.63 -6.36
C LYS A 159 -10.98 -19.92 -5.89
N ILE A 160 -10.16 -19.87 -4.82
CA ILE A 160 -9.49 -21.07 -4.33
C ILE A 160 -10.46 -21.99 -3.53
N CYS A 161 -11.61 -21.46 -3.06
CA CYS A 161 -12.60 -22.30 -2.34
C CYS A 161 -13.75 -22.74 -3.28
N ALA A 162 -13.57 -22.67 -4.62
CA ALA A 162 -14.64 -23.06 -5.54
C ALA A 162 -14.13 -23.69 -6.84
N SER A 163 -12.98 -23.22 -7.35
CA SER A 163 -12.46 -23.74 -8.61
C SER A 163 -11.79 -25.10 -8.44
N ASN A 164 -12.44 -26.15 -8.96
CA ASN A 164 -11.87 -27.50 -8.90
C ASN A 164 -10.70 -27.65 -9.89
N ARG A 165 -10.72 -26.90 -11.00
CA ARG A 165 -9.64 -26.89 -11.99
C ARG A 165 -8.36 -26.33 -11.37
N LEU A 166 -8.48 -25.31 -10.50
CA LEU A 166 -7.32 -24.73 -9.83
C LEU A 166 -6.73 -25.74 -8.87
N ILE A 167 -7.58 -26.43 -8.09
CA ILE A 167 -7.13 -27.45 -7.15
C ILE A 167 -6.31 -28.55 -7.84
N SER A 168 -6.82 -29.11 -8.97
CA SER A 168 -6.07 -30.16 -9.69
C SER A 168 -4.78 -29.60 -10.31
N THR A 169 -4.76 -28.31 -10.69
CA THR A 169 -3.54 -27.68 -11.19
C THR A 169 -2.50 -27.62 -10.05
N LEU A 170 -2.94 -27.22 -8.86
CA LEU A 170 -2.08 -27.15 -7.69
C LEU A 170 -1.59 -28.55 -7.30
N GLU A 171 -2.43 -29.58 -7.46
CA GLU A 171 -2.06 -30.98 -7.22
C GLU A 171 -0.95 -31.39 -8.18
N ASN A 172 -1.08 -31.04 -9.46
CA ASN A 172 -0.08 -31.33 -10.48
C ASN A 172 1.26 -30.64 -10.14
N LEU A 173 1.23 -29.36 -9.70
CA LEU A 173 2.46 -28.66 -9.33
C LEU A 173 3.11 -29.33 -8.11
N TYR A 174 2.29 -29.69 -7.11
CA TYR A 174 2.71 -30.31 -5.87
C TYR A 174 3.46 -31.62 -6.11
N GLU A 175 2.98 -32.44 -7.05
CA GLU A 175 3.62 -33.72 -7.37
C GLU A 175 4.96 -33.56 -8.07
N ARG A 176 5.16 -32.46 -8.80
CA ARG A 176 6.44 -32.22 -9.47
C ARG A 176 7.42 -31.42 -8.58
N LYS A 177 7.08 -31.19 -7.29
CA LYS A 177 7.83 -30.39 -6.33
C LYS A 177 7.93 -28.93 -6.80
N LEU A 178 6.88 -28.43 -7.46
CA LEU A 178 6.87 -27.07 -8.00
C LEU A 178 5.80 -26.16 -7.35
N LEU A 179 5.30 -26.53 -6.16
CA LEU A 179 4.36 -25.70 -5.40
C LEU A 179 5.18 -25.20 -4.22
N ALA A 180 5.73 -23.98 -4.34
CA ALA A 180 6.72 -23.47 -3.39
C ALA A 180 6.17 -22.97 -2.07
N ARG A 181 5.03 -22.29 -2.07
CA ARG A 181 4.51 -21.66 -0.88
C ARG A 181 3.09 -21.17 -1.06
N PHE A 182 2.36 -21.09 0.05
CA PHE A 182 1.05 -20.46 0.10
C PHE A 182 1.20 -19.17 0.87
N VAL A 183 0.79 -18.06 0.30
CA VAL A 183 0.86 -16.76 0.97
C VAL A 183 -0.51 -16.19 1.14
N ILE A 184 -0.79 -15.53 2.27
CA ILE A 184 -2.04 -14.81 2.44
C ILE A 184 -1.68 -13.35 2.66
N ASP A 185 -1.83 -12.52 1.62
CA ASP A 185 -1.44 -11.11 1.75
C ASP A 185 -2.67 -10.33 2.17
N GLU A 186 -2.65 -9.91 3.45
CA GLU A 186 -3.67 -9.23 4.24
C GLU A 186 -4.59 -10.33 4.76
N ALA A 187 -4.08 -11.03 5.78
CA ALA A 187 -4.71 -12.19 6.40
C ALA A 187 -5.91 -11.88 7.28
N HIS A 188 -6.33 -10.62 7.39
CA HIS A 188 -7.50 -10.29 8.23
C HIS A 188 -8.75 -11.06 7.80
N MET A 206 -8.16 -26.98 5.65
CA MET A 206 -8.99 -27.27 4.49
C MET A 206 -8.08 -27.46 3.26
N LEU A 207 -7.11 -26.54 3.07
CA LEU A 207 -6.16 -26.62 1.97
C LEU A 207 -4.84 -27.28 2.41
N ARG A 208 -4.52 -27.27 3.71
CA ARG A 208 -3.30 -27.89 4.23
C ARG A 208 -3.35 -29.42 4.19
N GLN A 209 -4.54 -30.03 4.01
CA GLN A 209 -4.66 -31.48 3.96
C GLN A 209 -4.12 -32.03 2.63
N LYS A 210 -4.45 -31.35 1.52
CA LYS A 210 -3.98 -31.80 0.20
C LYS A 210 -2.51 -31.48 -0.03
N PHE A 211 -2.01 -30.38 0.57
CA PHE A 211 -0.61 -29.97 0.35
C PHE A 211 0.08 -29.72 1.69
N PRO A 212 0.35 -30.78 2.47
CA PRO A 212 0.90 -30.55 3.83
C PRO A 212 2.36 -30.14 3.90
N SER A 213 3.18 -30.44 2.90
CA SER A 213 4.59 -30.05 2.94
C SER A 213 4.84 -28.58 2.44
N VAL A 214 3.81 -27.89 1.97
CA VAL A 214 3.97 -26.53 1.44
C VAL A 214 3.94 -25.52 2.58
N PRO A 215 5.02 -24.73 2.75
CA PRO A 215 5.02 -23.72 3.82
C PRO A 215 4.02 -22.58 3.53
N VAL A 216 3.55 -21.95 4.62
CA VAL A 216 2.58 -20.87 4.57
C VAL A 216 3.17 -19.57 5.12
N MET A 217 2.91 -18.43 4.45
CA MET A 217 3.29 -17.13 5.00
C MET A 217 2.05 -16.26 5.04
N ALA A 218 1.63 -15.81 6.22
CA ALA A 218 0.48 -14.91 6.37
C ALA A 218 0.98 -13.52 6.73
N LEU A 219 0.46 -12.46 6.08
CA LEU A 219 0.91 -11.09 6.39
C LEU A 219 -0.27 -10.20 6.66
N THR A 220 -0.13 -9.26 7.62
CA THR A 220 -1.21 -8.34 7.88
C THR A 220 -0.74 -6.96 8.32
N ALA A 221 -1.47 -5.94 7.88
CA ALA A 221 -1.31 -4.56 8.28
C ALA A 221 -2.39 -4.14 9.28
N THR A 222 -3.23 -5.08 9.75
CA THR A 222 -4.25 -4.73 10.74
CA THR A 222 -4.26 -4.74 10.71
C THR A 222 -3.60 -4.49 12.08
N ALA A 223 -3.88 -3.33 12.69
CA ALA A 223 -3.29 -3.04 14.02
C ALA A 223 -4.17 -3.59 15.16
N ASN A 224 -5.41 -4.02 14.87
CA ASN A 224 -6.33 -4.57 15.87
C ASN A 224 -5.72 -5.83 16.51
N PRO A 225 -5.38 -5.78 17.83
CA PRO A 225 -4.72 -6.94 18.45
C PRO A 225 -5.61 -8.18 18.54
N ARG A 226 -6.94 -8.02 18.62
CA ARG A 226 -7.84 -9.17 18.66
C ARG A 226 -7.81 -9.91 17.33
N VAL A 227 -7.78 -9.16 16.21
CA VAL A 227 -7.69 -9.77 14.89
C VAL A 227 -6.32 -10.43 14.71
N GLN A 228 -5.26 -9.78 15.19
CA GLN A 228 -3.90 -10.35 15.09
C GLN A 228 -3.81 -11.69 15.82
N LYS A 229 -4.43 -11.77 17.01
CA LYS A 229 -4.40 -13.00 17.80
C LYS A 229 -5.26 -14.09 17.14
N ASP A 230 -6.40 -13.70 16.54
CA ASP A 230 -7.27 -14.64 15.85
C ASP A 230 -6.57 -15.27 14.66
N ILE A 231 -5.73 -14.48 13.93
CA ILE A 231 -5.01 -15.06 12.81
C ILE A 231 -3.97 -16.07 13.32
N LEU A 232 -3.25 -15.70 14.39
CA LEU A 232 -2.24 -16.59 14.97
C LEU A 232 -2.88 -17.90 15.47
N THR A 233 -4.09 -17.83 16.07
CA THR A 233 -4.80 -19.04 16.51
C THR A 233 -5.06 -19.99 15.33
N GLN A 234 -5.46 -19.45 14.18
CA GLN A 234 -5.70 -20.25 12.99
C GLN A 234 -4.41 -20.92 12.47
N LEU A 235 -3.26 -20.26 12.62
CA LEU A 235 -1.99 -20.81 12.14
C LEU A 235 -1.22 -21.63 13.18
N LYS A 236 -1.70 -21.68 14.44
CA LYS A 236 -1.00 -22.28 15.58
C LYS A 236 -0.43 -23.68 15.34
N ILE A 237 -1.18 -24.57 14.66
CA ILE A 237 -0.68 -25.93 14.41
C ILE A 237 0.65 -25.92 13.61
N LEU A 238 0.85 -24.91 12.76
CA LEU A 238 2.06 -24.81 11.96
C LEU A 238 3.29 -24.32 12.75
N ARG A 239 3.07 -23.74 13.95
CA ARG A 239 4.09 -23.17 14.82
C ARG A 239 4.92 -22.13 14.03
N PRO A 240 4.24 -21.10 13.49
CA PRO A 240 4.94 -20.15 12.62
C PRO A 240 5.93 -19.27 13.38
N GLN A 241 6.91 -18.77 12.64
CA GLN A 241 7.83 -17.74 13.11
C GLN A 241 7.04 -16.43 13.02
N VAL A 242 6.99 -15.65 14.08
CA VAL A 242 6.21 -14.42 14.13
C VAL A 242 7.13 -13.22 14.09
N PHE A 243 6.93 -12.36 13.07
CA PHE A 243 7.75 -11.15 12.93
C PHE A 243 6.87 -9.94 13.14
N SER A 244 7.07 -9.22 14.24
CA SER A 244 6.25 -8.06 14.52
C SER A 244 7.12 -6.81 14.68
N MET A 245 6.49 -5.66 14.57
CA MET A 245 7.16 -4.38 14.67
C MET A 245 6.13 -3.31 15.02
N SER A 246 6.59 -2.07 15.26
CA SER A 246 5.68 -0.98 15.55
C SER A 246 4.76 -0.71 14.37
N PHE A 247 3.49 -0.40 14.66
CA PHE A 247 2.54 -0.03 13.62
C PHE A 247 2.54 1.49 13.36
N ASN A 248 3.54 2.23 13.89
CA ASN A 248 3.69 3.65 13.61
C ASN A 248 3.97 3.87 12.14
N ARG A 249 3.24 4.82 11.54
CA ARG A 249 3.46 5.15 10.13
CA ARG A 249 3.43 5.17 10.14
C ARG A 249 4.46 6.30 10.12
N HIS A 250 5.73 5.96 9.91
CA HIS A 250 6.81 6.93 10.04
C HIS A 250 6.67 8.19 9.21
N ASN A 251 6.09 8.10 8.01
CA ASN A 251 6.07 9.22 7.08
C ASN A 251 4.78 10.05 7.06
N LEU A 252 3.87 9.79 8.01
CA LEU A 252 2.60 10.51 8.00
C LEU A 252 2.57 11.60 9.06
N LYS A 253 2.10 12.77 8.65
CA LYS A 253 1.91 13.91 9.54
C LYS A 253 0.45 13.98 9.97
N TYR A 254 0.17 13.79 11.25
CA TYR A 254 -1.21 13.80 11.74
C TYR A 254 -1.62 15.17 12.26
N TYR A 255 -2.78 15.64 11.84
CA TYR A 255 -3.34 16.91 12.31
C TYR A 255 -4.78 16.75 12.65
N VAL A 256 -5.27 17.56 13.60
CA VAL A 256 -6.70 17.69 13.88
C VAL A 256 -6.99 19.16 13.81
N LEU A 257 -7.82 19.58 12.86
CA LEU A 257 -8.12 21.01 12.65
C LEU A 257 -9.57 21.35 13.00
N PRO A 258 -9.85 22.59 13.42
CA PRO A 258 -11.25 22.97 13.70
C PRO A 258 -12.07 22.99 12.43
N LYS A 259 -13.25 22.39 12.46
CA LYS A 259 -14.12 22.35 11.30
C LYS A 259 -15.26 23.39 11.36
N LYS A 260 -15.47 24.13 10.25
CA LYS A 260 -16.63 25.01 10.12
C LYS A 260 -17.68 24.22 9.31
N PRO A 261 -18.76 23.73 9.97
CA PRO A 261 -19.72 22.85 9.28
C PRO A 261 -20.24 23.34 7.93
N LYS A 262 -20.27 24.66 7.69
CA LYS A 262 -20.72 25.18 6.40
C LYS A 262 -19.58 25.96 5.71
N LYS A 263 -18.39 25.34 5.58
CA LYS A 263 -17.23 25.96 4.92
C LYS A 263 -16.01 25.02 4.79
N VAL A 264 -16.16 23.73 5.12
CA VAL A 264 -15.01 22.80 5.12
C VAL A 264 -14.47 22.55 3.69
N ALA A 265 -15.35 22.54 2.68
CA ALA A 265 -14.91 22.33 1.29
C ALA A 265 -13.97 23.42 0.83
N PHE A 266 -14.21 24.65 1.25
CA PHE A 266 -13.36 25.78 0.88
C PHE A 266 -12.01 25.72 1.62
N ASP A 267 -11.99 25.19 2.85
CA ASP A 267 -10.73 25.01 3.60
C ASP A 267 -9.88 23.88 2.97
N CYS A 268 -10.53 22.83 2.44
CA CYS A 268 -9.83 21.72 1.77
C CYS A 268 -9.14 22.27 0.52
N LEU A 269 -9.92 22.98 -0.32
CA LEU A 269 -9.45 23.59 -1.56
C LEU A 269 -8.23 24.50 -1.32
N GLU A 270 -8.29 25.35 -0.28
CA GLU A 270 -7.17 26.24 0.02
C GLU A 270 -5.92 25.48 0.47
N TRP A 271 -6.07 24.45 1.34
CA TRP A 271 -4.91 23.68 1.81
C TRP A 271 -4.25 22.91 0.67
N ILE A 272 -5.06 22.29 -0.19
CA ILE A 272 -4.54 21.48 -1.29
C ILE A 272 -3.73 22.37 -2.27
N ARG A 273 -4.27 23.54 -2.65
CA ARG A 273 -3.56 24.42 -3.58
C ARG A 273 -2.19 24.86 -3.03
N LYS A 274 -2.11 25.11 -1.73
CA LYS A 274 -0.87 25.54 -1.10
C LYS A 274 0.18 24.44 -0.92
N HIS A 275 -0.24 23.22 -0.52
CA HIS A 275 0.73 22.16 -0.22
C HIS A 275 0.90 21.07 -1.29
N HIS A 276 -0.18 20.63 -1.95
CA HIS A 276 -0.05 19.58 -2.98
C HIS A 276 -0.89 19.91 -4.22
N PRO A 277 -0.53 20.99 -4.95
CA PRO A 277 -1.32 21.36 -6.12
C PRO A 277 -1.33 20.32 -7.22
N TYR A 278 -0.27 19.51 -7.34
CA TYR A 278 -0.20 18.54 -8.42
C TYR A 278 -0.09 17.10 -7.91
N ASP A 279 -0.52 16.82 -6.66
CA ASP A 279 -0.43 15.46 -6.14
C ASP A 279 -1.80 14.90 -5.78
N SER A 280 -1.93 13.57 -5.81
CA SER A 280 -3.19 12.89 -5.56
C SER A 280 -3.55 12.87 -4.11
N GLY A 281 -4.85 12.89 -3.86
CA GLY A 281 -5.33 12.80 -2.49
C GLY A 281 -6.74 12.25 -2.39
N ILE A 282 -7.17 11.97 -1.15
CA ILE A 282 -8.49 11.47 -0.86
C ILE A 282 -9.15 12.37 0.16
N ILE A 283 -10.45 12.68 -0.02
CA ILE A 283 -11.24 13.39 0.98
C ILE A 283 -12.34 12.46 1.42
N TYR A 284 -12.27 11.95 2.66
CA TYR A 284 -13.27 11.05 3.18
C TYR A 284 -14.45 11.85 3.72
N CYS A 285 -15.65 11.42 3.34
CA CYS A 285 -16.89 12.10 3.71
C CYS A 285 -17.84 11.16 4.42
N LEU A 286 -18.72 11.71 5.27
CA LEU A 286 -19.64 10.87 6.03
C LEU A 286 -20.74 10.25 5.17
N SER A 287 -21.26 11.00 4.18
CA SER A 287 -22.36 10.48 3.37
C SER A 287 -22.10 10.64 1.88
N ARG A 288 -22.89 9.96 1.06
CA ARG A 288 -22.79 10.10 -0.39
C ARG A 288 -23.08 11.54 -0.81
N ARG A 289 -24.10 12.18 -0.20
CA ARG A 289 -24.40 13.57 -0.55
C ARG A 289 -23.24 14.47 -0.20
N GLU A 290 -22.57 14.24 0.98
CA GLU A 290 -21.41 15.06 1.34
CA GLU A 290 -21.41 15.07 1.33
C GLU A 290 -20.29 14.90 0.29
N CYS A 291 -20.10 13.67 -0.23
CA CYS A 291 -19.10 13.44 -1.32
C CYS A 291 -19.43 14.32 -2.51
N ASP A 292 -20.72 14.32 -2.90
CA ASP A 292 -21.18 15.04 -4.09
C ASP A 292 -21.01 16.53 -3.92
N THR A 293 -21.40 17.09 -2.75
CA THR A 293 -21.24 18.54 -2.55
C THR A 293 -19.77 18.92 -2.42
N MET A 294 -18.92 18.02 -1.85
CA MET A 294 -17.50 18.32 -1.74
C MET A 294 -16.88 18.36 -3.15
N ALA A 295 -17.20 17.38 -3.97
CA ALA A 295 -16.69 17.30 -5.34
C ALA A 295 -17.23 18.45 -6.16
N ASP A 296 -18.52 18.81 -5.98
CA ASP A 296 -19.13 19.95 -6.72
C ASP A 296 -18.39 21.23 -6.43
N THR A 297 -18.16 21.53 -5.14
CA THR A 297 -17.50 22.75 -4.70
C THR A 297 -16.09 22.84 -5.24
N LEU A 298 -15.32 21.74 -5.13
CA LEU A 298 -13.96 21.74 -5.65
C LEU A 298 -13.96 21.91 -7.20
N GLN A 299 -14.88 21.25 -7.91
CA GLN A 299 -15.01 21.37 -9.38
C GLN A 299 -15.35 22.80 -9.79
N ARG A 300 -16.28 23.45 -9.08
CA ARG A 300 -16.65 24.82 -9.40
C ARG A 300 -15.44 25.77 -9.27
N ASP A 301 -14.45 25.42 -8.43
CA ASP A 301 -13.25 26.23 -8.28
C ASP A 301 -12.05 25.73 -9.14
N GLY A 302 -12.29 24.82 -10.07
CA GLY A 302 -11.25 24.35 -10.97
C GLY A 302 -10.36 23.21 -10.49
N LEU A 303 -10.70 22.59 -9.35
CA LEU A 303 -9.92 21.44 -8.87
C LEU A 303 -10.60 20.18 -9.40
N ALA A 304 -9.82 19.24 -9.99
CA ALA A 304 -10.39 18.04 -10.58
C ALA A 304 -10.75 17.03 -9.48
N ALA A 305 -11.94 17.18 -8.91
CA ALA A 305 -12.39 16.27 -7.86
C ALA A 305 -13.60 15.50 -8.30
N LEU A 306 -13.65 14.23 -7.94
CA LEU A 306 -14.77 13.37 -8.32
C LEU A 306 -15.30 12.60 -7.12
N ALA A 307 -16.63 12.54 -6.98
CA ALA A 307 -17.22 11.76 -5.91
C ALA A 307 -17.09 10.27 -6.22
N TYR A 308 -16.91 9.49 -5.17
CA TYR A 308 -16.68 8.05 -5.32
C TYR A 308 -17.39 7.33 -4.21
N HIS A 309 -18.55 6.73 -4.55
CA HIS A 309 -19.41 6.07 -3.59
C HIS A 309 -20.41 5.11 -4.29
N ALA A 310 -21.20 4.39 -3.49
CA ALA A 310 -22.17 3.38 -3.92
C ALA A 310 -23.29 3.91 -4.82
N GLY A 311 -23.52 5.23 -4.81
CA GLY A 311 -24.56 5.83 -5.65
C GLY A 311 -24.20 5.87 -7.12
N LEU A 312 -22.90 5.79 -7.44
CA LEU A 312 -22.47 5.82 -8.84
C LEU A 312 -22.84 4.52 -9.54
N SER A 313 -23.07 4.58 -10.86
CA SER A 313 -23.29 3.35 -11.63
C SER A 313 -21.94 2.61 -11.75
N ASP A 314 -21.95 1.31 -12.05
CA ASP A 314 -20.71 0.55 -12.18
C ASP A 314 -19.77 1.17 -13.25
N SER A 315 -20.35 1.79 -14.29
CA SER A 315 -19.60 2.45 -15.34
C SER A 315 -18.91 3.72 -14.82
N ALA A 316 -19.63 4.51 -14.03
CA ALA A 316 -19.10 5.75 -13.46
C ALA A 316 -18.02 5.45 -12.42
N ARG A 317 -18.22 4.39 -11.61
CA ARG A 317 -17.24 4.00 -10.60
C ARG A 317 -15.92 3.62 -11.27
N ASP A 318 -16.00 2.81 -12.35
CA ASP A 318 -14.82 2.35 -13.07
C ASP A 318 -14.06 3.52 -13.69
N GLU A 319 -14.80 4.52 -14.20
CA GLU A 319 -14.19 5.72 -14.78
C GLU A 319 -13.49 6.57 -13.69
N VAL A 320 -14.15 6.80 -12.54
CA VAL A 320 -13.55 7.61 -11.48
C VAL A 320 -12.29 6.91 -10.94
N GLN A 321 -12.38 5.60 -10.71
CA GLN A 321 -11.24 4.81 -10.24
C GLN A 321 -10.04 4.94 -11.20
N GLN A 322 -10.25 4.72 -12.52
CA GLN A 322 -9.15 4.82 -13.47
C GLN A 322 -8.62 6.25 -13.63
N LYS A 323 -9.49 7.28 -13.58
CA LYS A 323 -8.98 8.65 -13.67
C LYS A 323 -8.11 8.98 -12.47
N TRP A 324 -8.56 8.61 -11.26
CA TRP A 324 -7.82 8.95 -10.05
C TRP A 324 -6.49 8.17 -9.95
N ILE A 325 -6.52 6.85 -10.17
CA ILE A 325 -5.29 6.03 -10.10
C ILE A 325 -4.23 6.55 -11.08
N ASN A 326 -4.65 6.94 -12.30
CA ASN A 326 -3.71 7.39 -13.30
C ASN A 326 -3.39 8.89 -13.29
N GLN A 327 -3.99 9.69 -12.37
CA GLN A 327 -3.86 11.16 -12.39
C GLN A 327 -4.30 11.72 -13.76
N ASP A 328 -5.33 11.13 -14.34
CA ASP A 328 -5.86 11.52 -15.65
C ASP A 328 -7.19 12.24 -15.48
N GLY A 329 -7.15 13.53 -15.21
CA GLY A 329 -8.38 14.30 -15.05
C GLY A 329 -9.05 14.13 -13.69
N CYS A 330 -8.30 13.63 -12.69
CA CYS A 330 -8.84 13.53 -11.32
C CYS A 330 -7.70 13.54 -10.33
N GLN A 331 -7.62 14.59 -9.54
CA GLN A 331 -6.60 14.77 -8.53
C GLN A 331 -7.08 14.24 -7.17
N VAL A 332 -8.36 14.47 -6.86
CA VAL A 332 -8.92 14.07 -5.58
C VAL A 332 -10.17 13.24 -5.73
N ILE A 333 -10.28 12.15 -4.97
CA ILE A 333 -11.55 11.43 -4.88
C ILE A 333 -12.20 11.82 -3.55
N CYS A 334 -13.52 12.11 -3.60
CA CYS A 334 -14.31 12.45 -2.42
C CYS A 334 -15.12 11.24 -2.13
N ALA A 335 -14.65 10.43 -1.16
CA ALA A 335 -15.19 9.09 -1.02
C ALA A 335 -15.83 8.76 0.33
N THR A 336 -16.74 7.79 0.32
CA THR A 336 -17.22 7.17 1.53
C THR A 336 -16.12 6.13 1.89
N ILE A 337 -16.05 5.72 3.13
CA ILE A 337 -14.98 4.83 3.60
C ILE A 337 -14.84 3.51 2.79
N ALA A 338 -15.92 2.77 2.47
CA ALA A 338 -15.76 1.50 1.74
C ALA A 338 -15.10 1.69 0.38
N PHE A 339 -15.37 2.82 -0.27
CA PHE A 339 -14.86 3.09 -1.60
C PHE A 339 -13.40 3.56 -1.60
N GLY A 340 -13.02 4.44 -0.68
CA GLY A 340 -11.64 4.90 -0.59
C GLY A 340 -10.69 3.79 -0.19
N MET A 341 -11.17 2.88 0.67
CA MET A 341 -10.35 1.74 1.12
C MET A 341 -10.19 0.64 0.02
N GLY A 342 -10.97 0.72 -1.06
CA GLY A 342 -10.89 -0.26 -2.13
C GLY A 342 -9.91 0.09 -3.24
N ILE A 343 -9.28 1.29 -3.21
CA ILE A 343 -8.30 1.66 -4.24
C ILE A 343 -6.91 1.72 -3.63
N ASP A 344 -5.91 1.14 -4.32
CA ASP A 344 -4.53 1.01 -3.86
C ASP A 344 -3.48 1.82 -4.67
N LYS A 345 -3.37 3.13 -4.40
CA LYS A 345 -2.41 4.01 -5.05
C LYS A 345 -1.21 4.27 -4.12
N PRO A 346 0.05 4.09 -4.53
CA PRO A 346 1.18 4.24 -3.58
C PRO A 346 1.61 5.66 -3.28
N ASP A 347 1.17 6.66 -4.09
CA ASP A 347 1.64 8.02 -3.92
C ASP A 347 0.54 8.98 -3.54
N VAL A 348 -0.31 8.56 -2.59
CA VAL A 348 -1.36 9.44 -2.07
C VAL A 348 -0.67 10.38 -1.10
N ARG A 349 -0.60 11.67 -1.42
CA ARG A 349 0.14 12.63 -0.60
C ARG A 349 -0.69 13.24 0.52
N PHE A 350 -2.02 13.10 0.46
CA PHE A 350 -2.87 13.60 1.54
C PHE A 350 -4.13 12.81 1.64
N VAL A 351 -4.57 12.58 2.89
CA VAL A 351 -5.87 12.01 3.19
C VAL A 351 -6.51 12.99 4.12
N ILE A 352 -7.62 13.58 3.70
CA ILE A 352 -8.35 14.51 4.55
C ILE A 352 -9.66 13.87 5.00
N HIS A 353 -9.93 13.85 6.31
CA HIS A 353 -11.23 13.41 6.79
C HIS A 353 -12.04 14.68 6.97
N ALA A 354 -12.95 14.94 6.02
CA ALA A 354 -13.78 16.16 6.06
C ALA A 354 -14.82 16.11 7.18
N SER A 355 -15.14 14.91 7.68
CA SER A 355 -16.01 14.68 8.82
C SER A 355 -15.37 13.63 9.71
N LEU A 356 -15.81 13.62 10.97
CA LEU A 356 -15.36 12.69 12.00
C LEU A 356 -15.50 11.23 11.56
N PRO A 357 -14.43 10.43 11.64
CA PRO A 357 -14.57 8.99 11.37
C PRO A 357 -15.40 8.27 12.46
N LYS A 358 -15.88 7.05 12.18
CA LYS A 358 -16.69 6.28 13.15
C LYS A 358 -15.86 5.67 14.29
N SER A 359 -14.58 5.42 14.04
CA SER A 359 -13.73 4.82 15.05
C SER A 359 -12.28 5.16 14.82
N VAL A 360 -11.45 4.99 15.87
CA VAL A 360 -10.01 5.24 15.71
C VAL A 360 -9.40 4.17 14.81
N GLU A 361 -9.90 2.92 14.87
CA GLU A 361 -9.38 1.86 13.99
C GLU A 361 -9.64 2.24 12.50
N GLY A 362 -10.84 2.74 12.24
CA GLY A 362 -11.18 3.23 10.91
C GLY A 362 -10.30 4.40 10.51
N TYR A 363 -10.10 5.36 11.42
CA TYR A 363 -9.24 6.51 11.15
C TYR A 363 -7.81 6.08 10.81
N TYR A 364 -7.23 5.19 11.63
CA TYR A 364 -5.86 4.75 11.41
C TYR A 364 -5.73 4.04 10.05
N GLN A 365 -6.69 3.15 9.75
CA GLN A 365 -6.55 2.37 8.50
C GLN A 365 -6.91 3.25 7.27
N GLU A 366 -7.80 4.28 7.39
CA GLU A 366 -8.17 5.17 6.27
C GLU A 366 -7.07 6.17 6.00
N SER A 367 -6.61 6.88 7.05
CA SER A 367 -5.49 7.80 6.87
C SER A 367 -4.20 7.04 6.49
N GLY A 368 -4.06 5.80 6.97
CA GLY A 368 -2.86 4.99 6.86
C GLY A 368 -2.46 4.52 5.49
N ARG A 369 -3.39 4.55 4.58
CA ARG A 369 -3.11 4.22 3.19
C ARG A 369 -2.44 5.38 2.46
N ALA A 370 -2.40 6.61 3.05
CA ALA A 370 -1.58 7.70 2.52
C ALA A 370 -0.12 7.26 2.53
N GLY A 371 0.64 7.70 1.54
CA GLY A 371 2.08 7.45 1.51
C GLY A 371 2.57 6.02 1.63
N ARG A 372 1.97 5.08 0.88
CA ARG A 372 2.51 3.70 0.90
C ARG A 372 3.95 3.68 0.34
N ASP A 373 4.32 4.67 -0.50
CA ASP A 373 5.67 4.81 -1.06
C ASP A 373 6.71 5.32 -0.05
N GLY A 374 6.27 5.67 1.18
CA GLY A 374 7.18 6.09 2.23
C GLY A 374 7.58 7.55 2.20
N GLU A 375 7.08 8.32 1.20
CA GLU A 375 7.37 9.74 1.13
C GLU A 375 6.43 10.49 2.08
N ILE A 376 6.82 11.70 2.51
CA ILE A 376 6.00 12.44 3.49
C ILE A 376 4.58 12.69 2.95
N SER A 377 3.57 12.34 3.76
CA SER A 377 2.18 12.59 3.39
C SER A 377 1.43 13.18 4.60
N HIS A 378 0.33 13.85 4.35
CA HIS A 378 -0.41 14.53 5.41
C HIS A 378 -1.76 13.85 5.67
N CYS A 379 -2.15 13.77 6.94
CA CYS A 379 -3.41 13.20 7.37
C CYS A 379 -4.14 14.23 8.20
N LEU A 380 -5.10 14.92 7.60
CA LEU A 380 -5.81 16.01 8.26
C LEU A 380 -7.19 15.58 8.63
N LEU A 381 -7.54 15.70 9.91
CA LEU A 381 -8.89 15.38 10.36
C LEU A 381 -9.60 16.69 10.74
N PHE A 382 -10.71 17.05 10.05
CA PHE A 382 -11.48 18.25 10.36
C PHE A 382 -12.50 17.86 11.41
N TYR A 383 -12.39 18.46 12.61
CA TYR A 383 -13.22 18.10 13.74
C TYR A 383 -14.22 19.17 14.15
N THR A 384 -15.48 18.79 14.22
CA THR A 384 -16.53 19.59 14.84
C THR A 384 -17.40 18.64 15.64
N TYR A 385 -17.84 19.07 16.84
CA TYR A 385 -18.73 18.23 17.62
C TYR A 385 -20.08 18.05 16.89
N HIS A 386 -20.49 18.95 15.98
CA HIS A 386 -21.73 18.74 15.20
C HIS A 386 -21.69 17.39 14.44
N ASP A 387 -20.47 16.90 14.06
CA ASP A 387 -20.37 15.61 13.36
C ASP A 387 -20.59 14.42 14.28
N VAL A 388 -20.35 14.60 15.59
CA VAL A 388 -20.66 13.57 16.57
C VAL A 388 -22.19 13.36 16.59
N THR A 389 -22.95 14.47 16.55
CA THR A 389 -24.41 14.40 16.50
C THR A 389 -24.88 13.71 15.20
N ARG A 390 -24.23 14.02 14.06
CA ARG A 390 -24.59 13.41 12.78
C ARG A 390 -24.39 11.89 12.84
N LEU A 391 -23.27 11.47 13.45
CA LEU A 391 -22.99 10.05 13.58
C LEU A 391 -23.94 9.36 14.55
N LYS A 392 -24.27 10.02 15.65
CA LYS A 392 -25.23 9.46 16.62
C LYS A 392 -26.60 9.27 15.96
N ARG A 393 -27.00 10.20 15.08
CA ARG A 393 -28.28 10.05 14.40
C ARG A 393 -28.26 8.84 13.47
N LEU A 394 -27.14 8.63 12.74
CA LEU A 394 -27.00 7.45 11.88
C LEU A 394 -27.03 6.17 12.72
N ILE A 395 -26.39 6.19 13.88
CA ILE A 395 -26.36 5.04 14.78
C ILE A 395 -27.78 4.71 15.26
N MET A 396 -28.54 5.73 15.66
CA MET A 396 -29.92 5.51 16.16
C MET A 396 -30.87 5.03 15.05
N MET A 397 -30.60 5.37 13.79
CA MET A 397 -31.50 4.98 12.69
C MET A 397 -31.07 3.70 11.97
N GLU A 398 -29.89 3.13 12.30
CA GLU A 398 -29.40 1.92 11.61
C GLU A 398 -30.42 0.77 11.67
N LYS A 399 -30.71 0.17 10.52
CA LYS A 399 -31.67 -0.92 10.40
C LYS A 399 -31.16 -2.18 11.10
N ASP A 400 -32.05 -2.86 11.83
CA ASP A 400 -31.79 -4.08 12.59
C ASP A 400 -30.79 -3.85 13.75
N GLY A 401 -30.78 -2.64 14.29
CA GLY A 401 -29.89 -2.28 15.38
C GLY A 401 -30.49 -2.50 16.76
N ASN A 402 -29.68 -3.02 17.67
CA ASN A 402 -30.10 -3.26 19.06
C ASN A 402 -29.29 -2.38 20.02
N HIS A 403 -29.58 -2.44 21.34
CA HIS A 403 -28.83 -1.65 22.32
C HIS A 403 -27.34 -2.03 22.31
N HIS A 404 -26.99 -3.27 21.91
CA HIS A 404 -25.62 -3.76 21.85
C HIS A 404 -24.87 -3.20 20.64
N THR A 405 -25.48 -3.25 19.43
CA THR A 405 -24.83 -2.70 18.24
C THR A 405 -24.65 -1.20 18.39
N ARG A 406 -25.68 -0.51 18.92
CA ARG A 406 -25.62 0.92 19.18
C ARG A 406 -24.55 1.21 20.21
N GLU A 407 -24.50 0.45 21.33
CA GLU A 407 -23.46 0.65 22.35
C GLU A 407 -22.06 0.49 21.77
N THR A 408 -21.86 -0.49 20.88
CA THR A 408 -20.56 -0.72 20.22
C THR A 408 -20.19 0.53 19.40
N HIS A 409 -21.14 1.01 18.59
CA HIS A 409 -20.93 2.21 17.78
C HIS A 409 -20.66 3.42 18.66
N PHE A 410 -21.40 3.59 19.77
CA PHE A 410 -21.19 4.73 20.67
C PHE A 410 -19.82 4.64 21.33
N ASN A 411 -19.40 3.42 21.73
CA ASN A 411 -18.07 3.24 22.35
C ASN A 411 -16.97 3.63 21.34
N ASN A 412 -17.15 3.26 20.07
CA ASN A 412 -16.17 3.63 19.03
C ASN A 412 -16.12 5.14 18.86
N LEU A 413 -17.29 5.79 18.91
CA LEU A 413 -17.37 7.24 18.78
C LEU A 413 -16.68 7.94 19.95
N TYR A 414 -16.84 7.38 21.17
CA TYR A 414 -16.21 7.93 22.38
C TYR A 414 -14.67 8.05 22.20
N SER A 415 -14.03 6.98 21.69
CA SER A 415 -12.58 6.99 21.53
C SER A 415 -12.16 7.94 20.40
N MET A 416 -12.96 8.04 19.32
CA MET A 416 -12.58 8.96 18.23
C MET A 416 -12.60 10.42 18.73
N VAL A 417 -13.66 10.79 19.48
CA VAL A 417 -13.74 12.16 20.00
C VAL A 417 -12.62 12.43 21.02
N HIS A 418 -12.22 11.43 21.82
CA HIS A 418 -11.13 11.55 22.78
C HIS A 418 -9.82 11.95 22.04
N TYR A 419 -9.57 11.31 20.88
CA TYR A 419 -8.41 11.69 20.05
C TYR A 419 -8.50 13.16 19.58
N CYS A 420 -9.67 13.59 19.08
CA CYS A 420 -9.86 14.95 18.61
C CYS A 420 -9.70 15.97 19.72
N GLU A 421 -10.17 15.64 20.94
CA GLU A 421 -10.12 16.58 22.07
C GLU A 421 -8.78 16.57 22.81
N ASN A 422 -7.94 15.55 22.56
CA ASN A 422 -6.62 15.45 23.19
C ASN A 422 -5.65 16.25 22.34
N ILE A 423 -5.43 17.50 22.73
CA ILE A 423 -4.54 18.40 22.02
C ILE A 423 -3.15 18.49 22.68
N THR A 424 -2.80 17.58 23.60
CA THR A 424 -1.51 17.64 24.27
C THR A 424 -0.63 16.43 23.93
N GLU A 425 -1.13 15.21 24.11
CA GLU A 425 -0.34 14.01 23.89
C GLU A 425 -0.03 13.83 22.41
N CYS A 426 1.19 13.33 22.10
CA CYS A 426 1.59 13.04 20.71
C CYS A 426 0.53 12.17 20.02
N ARG A 427 0.09 12.57 18.83
CA ARG A 427 -0.95 11.82 18.12
C ARG A 427 -0.46 10.41 17.73
N ARG A 428 0.86 10.21 17.51
CA ARG A 428 1.38 8.87 17.24
C ARG A 428 1.17 7.97 18.48
N ILE A 429 1.43 8.52 19.67
CA ILE A 429 1.24 7.78 20.90
C ILE A 429 -0.23 7.47 21.12
N GLN A 430 -1.11 8.43 20.86
CA GLN A 430 -2.57 8.24 21.02
C GLN A 430 -3.07 7.11 20.14
N LEU A 431 -2.64 7.10 18.86
CA LEU A 431 -3.08 6.03 17.97
C LEU A 431 -2.57 4.65 18.40
N LEU A 432 -1.29 4.55 18.80
CA LEU A 432 -0.73 3.26 19.17
C LEU A 432 -1.26 2.80 20.54
N ALA A 433 -1.53 3.72 21.45
CA ALA A 433 -2.12 3.37 22.77
C ALA A 433 -3.50 2.78 22.58
N TYR A 434 -4.27 3.28 21.59
CA TYR A 434 -5.60 2.74 21.30
C TYR A 434 -5.51 1.25 20.92
N PHE A 435 -4.46 0.86 20.18
CA PHE A 435 -4.29 -0.53 19.76
C PHE A 435 -3.51 -1.39 20.77
N GLY A 436 -3.15 -0.83 21.91
CA GLY A 436 -2.42 -1.56 22.94
C GLY A 436 -0.94 -1.69 22.69
N GLU A 437 -0.39 -0.89 21.75
CA GLU A 437 1.05 -0.97 21.49
C GLU A 437 1.79 -0.11 22.48
N ASN A 438 2.58 -0.75 23.36
CA ASN A 438 3.37 -0.02 24.35
C ASN A 438 4.84 0.05 23.91
N GLY A 439 5.57 0.96 24.53
CA GLY A 439 6.99 1.13 24.27
C GLY A 439 7.36 2.01 23.11
N PHE A 440 6.41 2.85 22.64
CA PHE A 440 6.72 3.75 21.52
C PHE A 440 7.39 5.01 22.03
N ASN A 441 8.53 5.37 21.44
CA ASN A 441 9.31 6.54 21.81
C ASN A 441 8.49 7.82 21.75
N PRO A 442 8.24 8.47 22.90
CA PRO A 442 7.50 9.75 22.88
C PRO A 442 8.25 10.89 22.18
N ASP A 443 9.56 10.73 21.98
CA ASP A 443 10.37 11.75 21.32
C ASP A 443 10.39 11.61 19.79
N PHE A 444 9.69 10.63 19.20
CA PHE A 444 9.73 10.42 17.74
C PHE A 444 9.49 11.71 16.92
N CYS A 445 8.41 12.48 17.20
CA CYS A 445 8.13 13.71 16.45
C CYS A 445 9.22 14.77 16.67
N LYS A 446 9.84 14.79 17.85
CA LYS A 446 10.91 15.74 18.18
C LYS A 446 12.19 15.36 17.43
N LYS A 447 12.46 14.07 17.28
CA LYS A 447 13.62 13.56 16.54
C LYS A 447 13.45 13.76 15.03
N HIS A 448 12.20 13.65 14.53
CA HIS A 448 11.91 13.78 13.10
C HIS A 448 10.86 14.89 12.89
N PRO A 449 11.24 16.19 13.05
CA PRO A 449 10.25 17.28 12.97
C PRO A 449 9.53 17.43 11.65
N ASP A 450 10.16 16.94 10.57
CA ASP A 450 9.62 16.92 9.22
C ASP A 450 8.29 16.12 9.16
N VAL A 451 8.10 15.15 10.07
CA VAL A 451 6.86 14.36 10.13
C VAL A 451 6.16 14.49 11.50
N SER A 452 6.39 15.61 12.20
CA SER A 452 5.79 15.83 13.51
C SER A 452 4.27 15.93 13.40
N CYS A 453 3.57 15.33 14.36
CA CYS A 453 2.11 15.54 14.45
C CYS A 453 1.89 17.00 14.89
N ASP A 454 0.64 17.52 14.83
CA ASP A 454 0.40 18.90 15.22
C ASP A 454 0.61 19.14 16.71
N ASN A 455 0.26 18.19 17.57
CA ASN A 455 0.42 18.37 19.02
C ASN A 455 1.88 18.52 19.42
N CYS A 456 2.78 17.79 18.77
CA CYS A 456 4.22 17.91 19.08
C CYS A 456 4.83 19.19 18.48
N CYS A 457 4.16 19.84 17.51
CA CYS A 457 4.58 21.11 16.94
C CYS A 457 4.31 22.25 17.92
N LYS A 458 3.17 22.19 18.61
CA LYS A 458 2.75 23.20 19.57
C LYS A 458 3.59 23.14 20.82
N LYS A 471 16.18 28.02 0.48
CA LYS A 471 16.16 28.61 -0.86
C LYS A 471 16.34 27.53 -1.95
N VAL A 472 15.83 27.81 -3.15
CA VAL A 472 15.93 26.88 -4.27
C VAL A 472 17.08 27.26 -5.21
N SER A 473 18.03 26.33 -5.40
CA SER A 473 19.14 26.56 -6.31
C SER A 473 18.70 26.31 -7.78
N GLN A 474 19.51 26.74 -8.76
CA GLN A 474 19.19 26.52 -10.18
C GLN A 474 19.23 25.03 -10.54
N ARG A 475 20.17 24.27 -9.95
CA ARG A 475 20.22 22.83 -10.21
C ARG A 475 18.96 22.16 -9.66
N GLU A 476 18.47 22.56 -8.47
CA GLU A 476 17.24 22.00 -7.93
C GLU A 476 16.03 22.35 -8.81
N GLU A 477 16.04 23.53 -9.46
CA GLU A 477 14.98 23.89 -10.40
C GLU A 477 14.99 22.94 -11.60
N MET A 478 16.19 22.56 -12.06
CA MET A 478 16.36 21.64 -13.18
C MET A 478 15.94 20.21 -12.74
N VAL A 479 16.23 19.83 -11.50
CA VAL A 479 15.81 18.53 -10.96
C VAL A 479 14.26 18.45 -10.97
N LYS A 480 13.57 19.53 -10.55
CA LYS A 480 12.11 19.56 -10.53
C LYS A 480 11.54 19.48 -11.95
N LYS A 481 12.15 20.18 -12.90
CA LYS A 481 11.70 20.17 -14.30
C LYS A 481 11.89 18.75 -14.87
N CYS A 482 13.04 18.15 -14.60
CA CYS A 482 13.34 16.80 -15.07
C CYS A 482 12.35 15.79 -14.48
N LEU A 483 12.05 15.91 -13.18
CA LEU A 483 11.10 15.00 -12.52
C LEU A 483 9.71 15.09 -13.18
N GLY A 484 9.30 16.30 -13.55
CA GLY A 484 8.03 16.50 -14.23
C GLY A 484 8.01 15.78 -15.58
N GLU A 485 9.11 15.91 -16.34
CA GLU A 485 9.18 15.23 -17.64
C GLU A 485 9.22 13.70 -17.47
N LEU A 486 9.95 13.20 -16.47
CA LEU A 486 10.03 11.77 -16.23
C LEU A 486 8.67 11.20 -15.82
N THR A 487 7.88 11.96 -15.04
CA THR A 487 6.54 11.49 -14.65
C THR A 487 5.66 11.41 -15.91
N GLU A 488 5.76 12.41 -16.81
CA GLU A 488 4.99 12.38 -18.05
C GLU A 488 5.40 11.16 -18.92
N VAL A 489 6.67 10.83 -18.95
CA VAL A 489 7.18 9.66 -19.70
C VAL A 489 6.58 8.38 -19.11
N CYS A 490 6.52 8.29 -17.78
CA CYS A 490 5.98 7.09 -17.13
C CYS A 490 4.49 6.95 -17.42
N LYS A 491 3.76 8.08 -17.55
CA LYS A 491 2.35 8.02 -17.86
C LYS A 491 2.16 7.53 -19.32
N SER A 492 3.00 7.99 -20.27
CA SER A 492 2.84 7.50 -21.65
C SER A 492 3.27 6.04 -21.74
N LEU A 493 4.36 5.68 -21.08
CA LEU A 493 4.79 4.26 -21.05
C LEU A 493 3.74 3.35 -20.40
N GLY A 494 3.06 3.83 -19.35
CA GLY A 494 2.03 3.03 -18.70
C GLY A 494 0.90 2.68 -19.67
N LYS A 495 0.53 3.61 -20.56
CA LYS A 495 -0.50 3.34 -21.55
C LYS A 495 -0.04 2.26 -22.53
N VAL A 496 1.22 2.32 -22.96
CA VAL A 496 1.78 1.34 -23.90
C VAL A 496 1.88 -0.05 -23.26
N PHE A 497 2.33 -0.12 -21.99
CA PHE A 497 2.58 -1.40 -21.33
C PHE A 497 1.41 -1.93 -20.49
N GLY A 498 0.31 -1.20 -20.42
CA GLY A 498 -0.86 -1.63 -19.67
C GLY A 498 -0.69 -1.65 -18.16
N VAL A 499 0.11 -0.73 -17.63
CA VAL A 499 0.28 -0.61 -16.18
C VAL A 499 0.12 0.87 -15.78
N HIS A 500 -0.18 1.12 -14.51
CA HIS A 500 -0.23 2.49 -14.02
C HIS A 500 1.18 3.07 -14.02
N TYR A 501 1.30 4.39 -14.18
CA TYR A 501 2.58 5.05 -14.26
C TYR A 501 3.55 4.72 -13.11
N PHE A 502 3.03 4.56 -11.88
CA PHE A 502 3.89 4.29 -10.72
C PHE A 502 4.43 2.83 -10.73
N ASN A 503 3.91 1.98 -11.63
CA ASN A 503 4.44 0.63 -11.85
C ASN A 503 5.44 0.58 -13.02
N ILE A 504 5.73 1.74 -13.68
CA ILE A 504 6.84 1.83 -14.62
C ILE A 504 8.07 2.06 -13.72
N PHE A 505 8.09 3.19 -12.98
CA PHE A 505 9.03 3.51 -11.89
C PHE A 505 8.23 4.17 -10.78
N ASN A 506 8.51 3.84 -9.51
CA ASN A 506 7.77 4.45 -8.41
C ASN A 506 8.28 5.88 -8.09
N THR A 507 7.59 6.57 -7.16
CA THR A 507 7.91 7.93 -6.70
C THR A 507 9.35 8.12 -6.28
N VAL A 508 9.87 7.19 -5.48
CA VAL A 508 11.18 7.33 -4.93
C VAL A 508 12.21 7.13 -6.00
N THR A 509 12.02 6.13 -6.87
CA THR A 509 12.96 5.91 -7.98
C THR A 509 12.97 7.12 -8.91
N LEU A 510 11.78 7.64 -9.25
CA LEU A 510 11.72 8.80 -10.15
C LEU A 510 12.39 10.00 -9.53
N LYS A 511 12.13 10.25 -8.24
CA LYS A 511 12.76 11.36 -7.52
C LYS A 511 14.30 11.24 -7.58
N LYS A 512 14.85 10.05 -7.33
CA LYS A 512 16.30 9.86 -7.34
C LYS A 512 16.87 9.94 -8.76
N LEU A 513 16.11 9.49 -9.76
CA LEU A 513 16.56 9.61 -11.17
C LEU A 513 16.72 11.10 -11.52
N ALA A 514 15.70 11.90 -11.15
CA ALA A 514 15.73 13.35 -11.40
C ALA A 514 16.86 14.00 -10.63
N GLU A 515 17.05 13.63 -9.35
CA GLU A 515 18.15 14.21 -8.55
C GLU A 515 19.52 13.95 -9.21
N SER A 516 19.72 12.79 -9.82
CA SER A 516 20.98 12.44 -10.44
C SER A 516 21.28 13.33 -11.64
N LEU A 517 20.24 13.63 -12.45
CA LEU A 517 20.36 14.29 -13.76
C LEU A 517 21.41 13.58 -14.63
N SER A 518 21.61 12.27 -14.41
CA SER A 518 22.58 11.47 -15.13
C SER A 518 21.94 10.70 -16.25
N SER A 519 22.69 10.50 -17.35
CA SER A 519 22.24 9.66 -18.46
C SER A 519 23.15 8.41 -18.60
N ASP A 520 24.02 8.15 -17.59
CA ASP A 520 24.95 7.03 -17.55
C ASP A 520 24.29 5.85 -16.88
N PRO A 521 24.06 4.74 -17.61
CA PRO A 521 23.39 3.58 -16.99
C PRO A 521 24.08 3.04 -15.76
N GLU A 522 25.42 3.15 -15.66
CA GLU A 522 26.15 2.67 -14.49
C GLU A 522 25.80 3.49 -13.24
N VAL A 523 25.50 4.78 -13.40
CA VAL A 523 25.08 5.60 -12.28
C VAL A 523 23.61 5.26 -11.95
N LEU A 524 22.77 5.20 -12.98
CA LEU A 524 21.34 4.95 -12.80
C LEU A 524 21.08 3.60 -12.14
N LEU A 525 21.89 2.58 -12.47
CA LEU A 525 21.72 1.25 -11.88
C LEU A 525 22.07 1.19 -10.38
N GLN A 526 22.67 2.25 -9.82
CA GLN A 526 22.93 2.31 -8.38
C GLN A 526 21.73 2.85 -7.58
N ILE A 527 20.65 3.33 -8.28
CA ILE A 527 19.47 3.88 -7.66
C ILE A 527 18.47 2.76 -7.34
N ASP A 528 17.86 2.79 -6.16
CA ASP A 528 16.84 1.80 -5.79
C ASP A 528 15.69 1.76 -6.79
N GLY A 529 15.35 0.57 -7.27
CA GLY A 529 14.25 0.41 -8.19
C GLY A 529 14.68 0.43 -9.65
N VAL A 530 15.90 0.90 -9.96
CA VAL A 530 16.34 0.88 -11.37
C VAL A 530 16.93 -0.51 -11.63
N THR A 531 16.46 -1.20 -12.66
CA THR A 531 16.96 -2.55 -12.95
C THR A 531 17.38 -2.63 -14.40
N GLU A 532 18.23 -3.61 -14.75
CA GLU A 532 18.61 -3.78 -16.15
C GLU A 532 17.40 -4.14 -17.01
N ASP A 533 16.46 -4.95 -16.49
CA ASP A 533 15.28 -5.31 -17.27
C ASP A 533 14.40 -4.08 -17.53
N LYS A 534 14.30 -3.18 -16.54
CA LYS A 534 13.53 -1.96 -16.72
C LYS A 534 14.23 -1.01 -17.69
N LEU A 535 15.57 -0.93 -17.65
CA LEU A 535 16.26 -0.05 -18.63
C LEU A 535 16.11 -0.61 -20.06
N GLU A 536 15.99 -1.94 -20.23
CA GLU A 536 15.76 -2.54 -21.55
CA GLU A 536 15.81 -2.49 -21.58
C GLU A 536 14.41 -2.10 -22.13
N LYS A 537 13.37 -2.03 -21.26
CA LYS A 537 12.01 -1.70 -21.68
C LYS A 537 11.67 -0.22 -21.72
N TYR A 538 12.19 0.54 -20.78
CA TYR A 538 11.85 1.94 -20.58
C TYR A 538 13.02 2.91 -20.70
N GLY A 539 14.22 2.38 -20.82
CA GLY A 539 15.42 3.17 -20.78
C GLY A 539 15.59 4.19 -21.88
N ALA A 540 15.22 3.88 -23.15
CA ALA A 540 15.42 4.85 -24.22
C ALA A 540 14.65 6.17 -23.91
N GLU A 541 13.43 6.01 -23.38
CA GLU A 541 12.59 7.15 -23.08
C GLU A 541 13.12 7.93 -21.89
N VAL A 542 13.48 7.23 -20.81
CA VAL A 542 13.96 7.90 -19.60
C VAL A 542 15.32 8.57 -19.82
N ILE A 543 16.23 7.89 -20.50
CA ILE A 543 17.57 8.43 -20.77
C ILE A 543 17.47 9.60 -21.75
N SER A 544 16.53 9.58 -22.71
CA SER A 544 16.35 10.71 -23.64
C SER A 544 15.98 11.98 -22.86
N VAL A 545 15.17 11.84 -21.81
CA VAL A 545 14.83 12.99 -20.97
C VAL A 545 16.06 13.45 -20.21
N LEU A 546 16.72 12.53 -19.48
CA LEU A 546 17.85 12.89 -18.64
C LEU A 546 18.99 13.53 -19.45
N GLN A 547 19.20 13.08 -20.69
CA GLN A 547 20.26 13.63 -21.55
C GLN A 547 20.16 15.15 -21.74
N LYS A 548 18.95 15.69 -21.76
CA LYS A 548 18.75 17.13 -21.94
C LYS A 548 19.35 17.94 -20.77
N TYR A 549 19.60 17.31 -19.61
CA TYR A 549 20.10 18.01 -18.43
C TYR A 549 21.59 17.84 -18.23
N SER A 550 22.34 17.44 -19.27
CA SER A 550 23.78 17.17 -19.14
C SER A 550 24.59 18.36 -18.62
N GLU A 551 24.18 19.62 -18.90
CA GLU A 551 24.93 20.78 -18.37
C GLU A 551 24.79 20.93 -16.85
N TRP A 552 23.79 20.27 -16.23
CA TRP A 552 23.51 20.43 -14.81
C TRP A 552 23.84 19.18 -13.96
N THR A 553 24.29 18.09 -14.58
CA THR A 553 24.58 16.85 -13.86
C THR A 553 25.55 17.06 -12.67
N SER A 554 26.71 17.72 -12.89
CA SER A 554 27.64 17.97 -11.80
C SER A 554 27.30 19.30 -11.12
C ACT B . -8.69 -2.00 19.87
O ACT B . -8.43 -2.26 18.67
OXT ACT B . -9.65 -1.28 20.26
CH3 ACT B . -7.78 -2.61 20.95
C ACT C . 5.95 2.17 8.26
O ACT C . 5.07 1.73 7.48
OXT ACT C . 6.05 3.35 8.65
CH3 ACT C . 7.00 1.16 8.78
C1 EDO D . 0.03 -3.69 17.21
O1 EDO D . 0.45 -2.35 17.27
C2 EDO D . -1.19 -3.93 18.13
O2 EDO D . -0.83 -3.87 19.51
C ACT E . 0.48 -11.51 18.06
O ACT E . -0.30 -11.04 18.93
OXT ACT E . 1.71 -11.28 17.99
CH3 ACT E . -0.15 -12.43 17.00
O2 PG4 F . 10.35 10.34 5.28
C3 PG4 F . 9.83 10.27 6.59
C4 PG4 F . 10.88 9.87 7.57
O3 PG4 F . 10.32 9.76 8.87
C5 PG4 F . 11.26 9.39 9.87
C6 PG4 F . 11.45 7.91 9.87
O4 PG4 F . 12.07 7.49 11.07
C1 EDO G . 18.74 -11.90 -11.33
O1 EDO G . 17.81 -11.23 -12.17
C2 EDO G . 19.73 -12.60 -12.26
O2 EDO G . 20.67 -11.66 -12.75
C1 EDO H . 24.66 -9.00 -7.24
O1 EDO H . 24.89 -9.52 -8.53
C2 EDO H . 24.52 -10.21 -6.31
O2 EDO H . 24.62 -9.87 -4.94
C1 EDO I . 12.60 1.69 -5.07
O1 EDO I . 11.72 1.01 -4.22
C2 EDO I . 12.77 3.13 -4.58
O2 EDO I . 13.34 3.06 -3.27
C1 EDO J . 3.13 -0.20 -6.93
O1 EDO J . 2.15 0.62 -6.32
C2 EDO J . 4.09 -0.79 -5.88
O2 EDO J . 3.32 -1.58 -5.02
C ACT K . -23.57 3.25 11.00
O ACT K . -24.03 3.38 12.16
OXT ACT K . -22.55 2.58 10.71
CH3 ACT K . -24.30 3.96 9.85
C1 GOL L . -16.79 9.67 8.17
O1 GOL L . -17.43 10.76 8.80
C2 GOL L . -15.35 10.03 7.88
O2 GOL L . -15.32 11.16 7.01
C3 GOL L . -14.68 8.85 7.20
O3 GOL L . -14.12 7.98 8.19
C1 EDO M . -19.22 11.30 22.66
O1 EDO M . -18.99 12.70 22.74
C2 EDO M . -19.41 10.76 24.10
O2 EDO M . -18.19 10.93 24.82
O1 PG4 N . 19.56 0.21 5.79
C1 PG4 N . 19.37 -1.02 6.47
C2 PG4 N . 20.67 -1.58 6.98
O2 PG4 N . 21.54 -1.88 5.91
C3 PG4 N . 21.63 -3.27 5.64
C4 PG4 N . 21.14 -3.56 4.27
O3 PG4 N . 20.86 -4.94 4.11
C5 PG4 N . 21.62 -5.54 3.08
C6 PG4 N . 22.72 -6.36 3.66
O4 PG4 N . 23.52 -6.92 2.62
PB ADP O . 3.20 -2.94 2.15
O1B ADP O . 2.56 -4.07 1.34
O2B ADP O . 2.22 -1.77 2.40
O3B ADP O . 3.85 -3.45 3.48
PA ADP O . 4.89 -2.57 -0.15
O1A ADP O . 5.29 -3.98 -0.36
O2A ADP O . 3.81 -2.08 -1.10
O3A ADP O . 4.41 -2.32 1.34
O5' ADP O . 6.12 -1.61 -0.28
C5' ADP O . 6.01 -0.18 -0.27
C4' ADP O . 7.03 0.36 -1.25
O4' ADP O . 8.37 0.19 -0.70
C3' ADP O . 7.03 -0.31 -2.62
O3' ADP O . 7.21 0.68 -3.64
C2' ADP O . 8.26 -1.24 -2.56
O2' ADP O . 8.82 -1.54 -3.84
C1' ADP O . 9.20 -0.43 -1.67
N9 ADP O . 10.18 -1.24 -0.95
C8 ADP O . 9.92 -2.37 -0.21
N7 ADP O . 10.98 -2.90 0.34
C5 ADP O . 12.01 -2.05 -0.04
C6 ADP O . 13.39 -2.03 0.26
N6 ADP O . 14.00 -2.96 1.00
N1 ADP O . 14.13 -1.02 -0.26
C2 ADP O . 13.52 -0.09 -1.02
N3 ADP O . 12.23 -0.02 -1.37
C4 ADP O . 11.52 -1.03 -0.84
MG MG P . 0.66 -4.44 0.37
MG MG Q . 5.90 -25.16 10.61
ZN ZN R . 3.83 13.71 17.92
CA CA S . 9.02 -4.52 -3.67
CA CA T . 2.86 3.74 22.89
#